data_2Z56
#
_entry.id   2Z56
#
_cell.length_a   64.518
_cell.length_b   67.463
_cell.length_c   74.046
_cell.angle_alpha   90.00
_cell.angle_beta   90.00
_cell.angle_gamma   90.00
#
_symmetry.space_group_name_H-M   'P 21 21 21'
#
loop_
_entity.id
_entity.type
_entity.pdbx_description
1 polymer Tk-subtilisin
2 polymer Tk-subtilisin
3 non-polymer 'CALCIUM ION'
4 non-polymer 'ZINC ION'
5 water water
#
loop_
_entity_poly.entity_id
_entity_poly.type
_entity_poly.pdbx_seq_one_letter_code
_entity_poly.pdbx_strand_id
1 'polypeptide(L)'
;QPAQTIPWGIERVKAPSVWSITDGSVSVIQVAVLDTGVDYDHPDLAANIAWCVSTLRGKVSTKLRDCADQNGHGTHVIGT
IAALNNDIGVVGVAPGVQIYSVRVLDARGSGSYSDIAIGIEQAILGPDGVADKDGDGIIAGDPDDDAAEVISMSLGGPAD
DSYLYDMIIQAYNAGIVIVAASGNEGAPSPSYPAAYPEVIAVGAIDSNDNIASFSNRQPEVSAPGVDILSTYPDDSYETL
MGTAMATPHVSGVVALIQAAYYQKYGKILPVGTFDDISKNTVRGILHITADDLGPTGWDADYGYGVVRAALAVQAALG
;
A
2 'polypeptide(L)' TIRVIVSVDKAKFNPHEVLGIGGHIVYQFKLIPAVVVDVPANAVGKLKKMPSVEKVEFDHQAVLL B
#
loop_
_chem_comp.id
_chem_comp.type
_chem_comp.name
_chem_comp.formula
CA non-polymer 'CALCIUM ION' 'Ca 2'
ZN non-polymer 'ZINC ION' 'Zn 2'
#
# COMPACT_ATOMS: atom_id res chain seq x y z
N GLN A 1 -22.76 -19.22 1.96
CA GLN A 1 -21.47 -18.92 1.14
C GLN A 1 -21.43 -19.65 -0.22
N PRO A 2 -21.12 -18.95 -1.31
CA PRO A 2 -21.03 -19.61 -2.62
C PRO A 2 -19.78 -20.41 -2.81
N ALA A 3 -19.79 -21.34 -3.77
CA ALA A 3 -18.66 -22.17 -4.00
C ALA A 3 -17.57 -21.25 -4.52
N GLN A 4 -16.36 -21.63 -4.29
CA GLN A 4 -15.19 -20.86 -4.77
C GLN A 4 -15.05 -20.77 -6.27
N THR A 5 -14.79 -19.56 -6.76
CA THR A 5 -14.40 -19.36 -8.12
C THR A 5 -13.03 -18.61 -8.14
N ILE A 6 -12.24 -18.77 -9.16
CA ILE A 6 -10.99 -18.03 -9.32
C ILE A 6 -11.30 -16.89 -10.27
N PRO A 7 -11.34 -15.67 -9.78
CA PRO A 7 -11.59 -14.53 -10.64
C PRO A 7 -10.56 -14.39 -11.85
N TRP A 8 -11.06 -13.89 -12.99
CA TRP A 8 -10.31 -13.83 -14.22
C TRP A 8 -9.00 -13.11 -13.96
N GLY A 9 -9.00 -12.06 -13.10
CA GLY A 9 -7.73 -11.38 -12.82
C GLY A 9 -6.64 -12.17 -12.16
N ILE A 10 -7.02 -13.03 -11.22
CA ILE A 10 -6.08 -13.93 -10.59
C ILE A 10 -5.45 -14.92 -11.63
N GLU A 11 -6.30 -15.40 -12.58
CA GLU A 11 -5.87 -16.20 -13.66
C GLU A 11 -4.88 -15.42 -14.57
N ARG A 12 -5.24 -14.24 -14.87
CA ARG A 12 -4.47 -13.46 -15.82
C ARG A 12 -3.04 -13.14 -15.34
N VAL A 13 -2.87 -12.92 -14.04
CA VAL A 13 -1.55 -12.67 -13.48
C VAL A 13 -0.80 -13.94 -13.16
N LYS A 14 -1.38 -15.12 -13.53
CA LYS A 14 -0.67 -16.39 -13.46
C LYS A 14 -0.31 -16.80 -12.05
N ALA A 15 -1.20 -16.58 -11.11
CA ALA A 15 -0.95 -16.93 -9.78
C ALA A 15 -1.16 -18.38 -9.42
N PRO A 16 -2.21 -19.03 -9.90
CA PRO A 16 -2.51 -20.40 -9.44
C PRO A 16 -1.36 -21.38 -9.61
N SER A 17 -0.55 -21.23 -10.62
CA SER A 17 0.49 -22.18 -10.77
C SER A 17 1.64 -21.95 -9.78
N VAL A 18 1.67 -20.80 -9.10
CA VAL A 18 2.72 -20.53 -8.11
C VAL A 18 2.44 -21.21 -6.80
N TRP A 19 1.17 -21.50 -6.55
CA TRP A 19 0.79 -21.97 -5.27
C TRP A 19 1.43 -23.26 -4.80
N SER A 20 1.82 -24.16 -5.68
CA SER A 20 2.53 -25.30 -5.21
C SER A 20 3.88 -24.89 -4.54
N ILE A 21 4.53 -23.81 -5.00
CA ILE A 21 5.77 -23.39 -4.40
C ILE A 21 5.52 -22.62 -3.12
N THR A 22 4.76 -21.53 -3.21
CA THR A 22 4.24 -20.82 -2.00
C THR A 22 2.89 -20.11 -2.29
N ASP A 23 2.06 -20.06 -1.27
CA ASP A 23 0.88 -19.20 -1.31
C ASP A 23 1.09 -17.88 -0.48
N GLY A 24 2.34 -17.58 -0.11
CA GLY A 24 2.71 -16.42 0.67
C GLY A 24 2.71 -16.63 2.19
N SER A 25 2.39 -17.84 2.68
CA SER A 25 2.35 -18.11 4.06
C SER A 25 3.75 -18.40 4.73
N VAL A 26 4.70 -17.51 4.50
CA VAL A 26 6.02 -17.51 5.08
C VAL A 26 5.94 -16.50 6.18
N SER A 27 6.25 -16.95 7.38
CA SER A 27 6.09 -16.19 8.62
C SER A 27 6.56 -14.74 8.79
N VAL A 28 7.69 -14.41 8.17
CA VAL A 28 8.27 -13.13 8.29
C VAL A 28 7.53 -12.12 7.37
N ILE A 29 6.71 -12.65 6.43
CA ILE A 29 6.08 -11.83 5.35
C ILE A 29 4.73 -11.28 5.71
N GLN A 30 4.60 -9.95 5.70
CA GLN A 30 3.26 -9.26 5.89
C GLN A 30 3.04 -8.27 4.82
N VAL A 31 1.84 -8.22 4.32
CA VAL A 31 1.42 -7.15 3.42
C VAL A 31 0.50 -6.15 4.11
N ALA A 32 0.92 -4.88 4.12
CA ALA A 32 0.08 -3.81 4.67
C ALA A 32 -0.80 -3.13 3.60
N VAL A 33 -2.07 -3.10 3.86
CA VAL A 33 -3.09 -2.56 2.96
C VAL A 33 -3.74 -1.33 3.62
N LEU A 34 -3.42 -0.16 3.07
CA LEU A 34 -3.83 1.20 3.61
C LEU A 34 -5.06 1.60 2.84
N ASP A 35 -6.22 1.45 3.47
CA ASP A 35 -7.46 1.57 2.76
C ASP A 35 -8.62 1.86 3.74
N THR A 36 -9.84 1.48 3.38
CA THR A 36 -11.04 1.82 4.13
C THR A 36 -11.26 0.93 5.37
N GLY A 37 -10.37 0.00 5.58
CA GLY A 37 -10.45 -0.97 6.67
C GLY A 37 -10.83 -2.35 6.12
N VAL A 38 -11.35 -3.25 6.97
CA VAL A 38 -11.65 -4.57 6.51
C VAL A 38 -12.80 -5.19 7.32
N ASP A 39 -13.61 -5.92 6.59
CA ASP A 39 -14.62 -6.89 7.20
C ASP A 39 -13.81 -8.06 7.81
N TYR A 40 -13.42 -7.89 9.06
CA TYR A 40 -12.40 -8.71 9.65
C TYR A 40 -12.81 -10.12 9.98
N ASP A 41 -14.09 -10.40 9.97
CA ASP A 41 -14.63 -11.73 10.25
C ASP A 41 -15.16 -12.38 8.96
N HIS A 42 -14.96 -11.75 7.79
CA HIS A 42 -15.36 -12.34 6.55
C HIS A 42 -14.78 -13.74 6.51
N PRO A 43 -15.58 -14.78 6.33
CA PRO A 43 -15.08 -16.19 6.28
C PRO A 43 -13.91 -16.48 5.28
N ASP A 44 -13.87 -15.74 4.17
CA ASP A 44 -12.84 -15.86 3.13
C ASP A 44 -11.61 -14.98 3.35
N LEU A 45 -11.59 -14.22 4.44
CA LEU A 45 -10.42 -13.40 4.76
C LEU A 45 -9.83 -13.57 6.17
N ALA A 46 -10.69 -13.84 7.17
CA ALA A 46 -10.27 -13.83 8.60
C ALA A 46 -8.99 -14.42 8.96
N ALA A 47 -8.74 -15.66 8.57
CA ALA A 47 -7.55 -16.40 8.91
C ALA A 47 -6.30 -15.72 8.40
N ASN A 48 -6.42 -14.81 7.45
CA ASN A 48 -5.19 -14.15 7.01
C ASN A 48 -5.00 -12.74 7.59
N ILE A 49 -5.96 -12.27 8.39
CA ILE A 49 -5.85 -10.95 9.00
C ILE A 49 -5.01 -11.01 10.31
N ALA A 50 -3.78 -10.52 10.21
CA ALA A 50 -2.82 -10.59 11.24
C ALA A 50 -2.85 -9.39 12.18
N TRP A 51 -3.30 -8.22 11.72
CA TRP A 51 -3.31 -7.01 12.50
C TRP A 51 -4.34 -6.08 11.83
N CYS A 52 -5.14 -5.45 12.65
CA CYS A 52 -6.12 -4.50 12.21
C CYS A 52 -5.84 -3.19 13.00
N VAL A 53 -5.56 -2.09 12.29
CA VAL A 53 -5.33 -0.82 12.95
C VAL A 53 -6.02 0.30 12.21
N SER A 54 -6.27 1.40 12.88
CA SER A 54 -6.84 2.61 12.30
C SER A 54 -6.02 3.81 12.65
N THR A 55 -5.84 4.72 11.69
CA THR A 55 -5.15 5.99 11.89
C THR A 55 -6.07 7.19 11.65
N LEU A 56 -7.39 6.92 11.51
CA LEU A 56 -8.33 7.96 11.26
C LEU A 56 -8.25 9.12 12.29
N ARG A 57 -8.19 10.38 11.79
CA ARG A 57 -8.21 11.56 12.65
C ARG A 57 -6.94 11.70 13.44
N GLY A 58 -5.86 11.09 12.98
CA GLY A 58 -4.59 11.19 13.67
C GLY A 58 -4.55 10.40 14.97
N LYS A 59 -5.51 9.52 15.15
CA LYS A 59 -5.67 8.73 16.41
C LYS A 59 -5.39 7.24 16.08
N VAL A 60 -4.33 6.62 16.61
CA VAL A 60 -4.03 5.25 16.26
C VAL A 60 -4.83 4.32 17.16
N SER A 61 -5.75 3.57 16.56
CA SER A 61 -6.62 2.69 17.40
C SER A 61 -6.55 1.30 16.78
N THR A 62 -6.45 0.29 17.61
CA THR A 62 -6.50 -1.08 17.13
C THR A 62 -7.85 -1.73 17.58
N LYS A 63 -8.78 -0.94 18.04
CA LYS A 63 -10.10 -1.43 18.38
C LYS A 63 -10.79 -1.94 17.09
N LEU A 64 -11.19 -3.21 17.09
CA LEU A 64 -11.74 -3.83 15.86
C LEU A 64 -12.83 -2.94 15.31
N ARG A 65 -13.62 -2.47 16.24
CA ARG A 65 -14.73 -1.61 15.86
C ARG A 65 -14.33 -0.40 15.01
N ASP A 66 -13.18 0.16 15.34
CA ASP A 66 -12.70 1.36 14.67
C ASP A 66 -12.00 0.99 13.41
N CYS A 67 -11.57 -0.23 13.33
CA CYS A 67 -10.88 -0.69 12.17
C CYS A 67 -11.72 -1.35 11.07
N ALA A 68 -12.97 -1.62 11.36
CA ALA A 68 -13.86 -2.30 10.43
C ALA A 68 -14.10 -1.45 9.19
N ASP A 69 -14.34 -2.09 8.06
CA ASP A 69 -14.65 -1.45 6.76
C ASP A 69 -16.10 -0.89 6.71
N GLN A 70 -16.27 0.42 6.59
CA GLN A 70 -17.63 0.96 6.47
C GLN A 70 -18.01 1.41 5.02
N ASN A 71 -17.13 1.13 4.09
CA ASN A 71 -17.27 1.50 2.67
C ASN A 71 -17.34 0.26 1.81
N GLY A 72 -16.38 -0.66 1.97
CA GLY A 72 -16.34 -1.90 1.23
C GLY A 72 -15.04 -1.99 0.40
N HIS A 73 -14.44 -0.87 0.12
CA HIS A 73 -13.32 -0.87 -0.90
C HIS A 73 -12.13 -1.70 -0.39
N GLY A 74 -11.82 -1.46 0.88
CA GLY A 74 -10.75 -2.18 1.53
C GLY A 74 -10.89 -3.68 1.60
N THR A 75 -12.11 -4.12 1.88
CA THR A 75 -12.42 -5.53 1.91
C THR A 75 -12.21 -6.12 0.53
N HIS A 76 -12.49 -5.35 -0.50
CA HIS A 76 -12.39 -5.86 -1.87
C HIS A 76 -10.92 -5.97 -2.28
N VAL A 77 -10.22 -4.90 -1.98
CA VAL A 77 -8.77 -4.90 -2.22
C VAL A 77 -8.04 -6.06 -1.51
N ILE A 78 -8.30 -6.22 -0.21
CA ILE A 78 -7.69 -7.24 0.53
C ILE A 78 -7.95 -8.61 0.00
N GLY A 79 -9.18 -8.82 -0.45
CA GLY A 79 -9.60 -10.09 -1.02
C GLY A 79 -8.83 -10.51 -2.27
N THR A 80 -8.51 -9.49 -3.09
CA THR A 80 -7.73 -9.70 -4.30
C THR A 80 -6.32 -10.13 -3.95
N ILE A 81 -5.67 -9.66 -2.90
CA ILE A 81 -4.41 -10.14 -2.49
C ILE A 81 -4.45 -11.49 -1.76
N ALA A 82 -5.41 -11.67 -0.88
CA ALA A 82 -5.26 -12.69 0.13
C ALA A 82 -6.55 -13.41 0.51
N ALA A 83 -7.49 -13.42 -0.42
CA ALA A 83 -8.66 -14.30 -0.17
C ALA A 83 -8.18 -15.77 -0.10
N LEU A 84 -8.73 -16.50 0.87
CA LEU A 84 -8.35 -17.87 1.16
C LEU A 84 -8.79 -18.87 0.07
N ASN A 85 -7.84 -19.76 -0.23
CA ASN A 85 -7.98 -20.91 -1.17
C ASN A 85 -8.70 -22.01 -0.45
N ASN A 86 -9.95 -22.16 -0.68
CA ASN A 86 -10.77 -23.09 0.15
C ASN A 86 -11.98 -23.46 -0.68
N ASP A 87 -13.07 -23.80 -0.04
CA ASP A 87 -14.23 -24.09 -0.83
C ASP A 87 -15.22 -23.02 -1.09
N ILE A 88 -14.95 -21.81 -0.59
CA ILE A 88 -15.86 -20.75 -0.79
C ILE A 88 -15.24 -19.47 -1.43
N GLY A 89 -16.14 -18.69 -1.96
CA GLY A 89 -15.94 -17.31 -2.30
C GLY A 89 -15.00 -17.16 -3.46
N VAL A 90 -13.87 -16.57 -3.18
CA VAL A 90 -12.91 -16.27 -4.23
C VAL A 90 -11.54 -16.75 -3.80
N VAL A 91 -10.44 -16.24 -4.39
CA VAL A 91 -9.10 -16.59 -3.95
C VAL A 91 -8.17 -15.46 -4.39
N GLY A 92 -7.21 -15.18 -3.52
CA GLY A 92 -6.29 -14.08 -3.73
C GLY A 92 -5.11 -14.50 -4.54
N VAL A 93 -4.26 -13.56 -4.93
CA VAL A 93 -3.05 -13.83 -5.67
C VAL A 93 -2.12 -14.62 -4.77
N ALA A 94 -2.13 -14.33 -3.48
CA ALA A 94 -1.25 -14.92 -2.45
C ALA A 94 -2.19 -15.36 -1.29
N PRO A 95 -2.88 -16.48 -1.49
CA PRO A 95 -3.97 -16.87 -0.59
C PRO A 95 -3.60 -17.27 0.84
N GLY A 96 -2.31 -17.41 1.13
CA GLY A 96 -1.88 -17.57 2.50
C GLY A 96 -1.08 -16.42 3.15
N VAL A 97 -0.97 -15.28 2.53
CA VAL A 97 -0.17 -14.18 3.08
C VAL A 97 -0.88 -13.49 4.21
N GLN A 98 -0.09 -13.11 5.20
CA GLN A 98 -0.66 -12.36 6.32
C GLN A 98 -0.89 -10.92 5.90
N ILE A 99 -1.99 -10.40 6.28
CA ILE A 99 -2.38 -9.02 6.04
C ILE A 99 -2.40 -8.12 7.30
N TYR A 100 -1.80 -6.96 7.14
CA TYR A 100 -2.04 -5.86 8.04
C TYR A 100 -3.01 -4.85 7.43
N SER A 101 -4.22 -4.74 7.99
CA SER A 101 -5.23 -3.78 7.53
C SER A 101 -5.07 -2.48 8.30
N VAL A 102 -4.64 -1.46 7.56
CA VAL A 102 -4.42 -0.16 8.13
C VAL A 102 -5.45 0.81 7.57
N ARG A 103 -6.42 1.21 8.37
CA ARG A 103 -7.53 2.03 7.94
C ARG A 103 -7.18 3.49 7.95
N VAL A 104 -6.91 4.02 6.74
CA VAL A 104 -6.56 5.43 6.57
C VAL A 104 -7.63 6.22 5.80
N LEU A 105 -8.64 5.55 5.27
CA LEU A 105 -9.76 6.17 4.63
C LEU A 105 -11.02 5.95 5.39
N ASP A 106 -11.93 6.92 5.38
CA ASP A 106 -13.14 6.86 6.27
C ASP A 106 -14.28 6.24 5.52
N ALA A 107 -15.51 6.24 6.04
CA ALA A 107 -16.69 5.68 5.32
C ALA A 107 -16.90 6.15 3.85
N ARG A 108 -16.47 7.33 3.55
CA ARG A 108 -16.71 7.97 2.27
C ARG A 108 -15.65 7.54 1.34
N GLY A 109 -14.62 6.88 1.88
CA GLY A 109 -13.47 6.53 1.05
C GLY A 109 -12.55 7.71 0.79
N SER A 110 -12.58 8.72 1.64
CA SER A 110 -11.67 9.84 1.49
C SER A 110 -10.77 9.80 2.69
N GLY A 111 -9.59 10.34 2.56
CA GLY A 111 -8.72 10.34 3.68
C GLY A 111 -7.82 11.54 3.66
N SER A 112 -7.30 11.85 4.84
CA SER A 112 -6.29 12.93 4.98
C SER A 112 -4.93 12.40 4.71
N TYR A 113 -4.04 13.23 4.09
CA TYR A 113 -2.71 12.80 3.90
C TYR A 113 -2.08 12.55 5.25
N SER A 114 -2.43 13.36 6.24
CA SER A 114 -1.81 13.07 7.55
C SER A 114 -2.07 11.63 8.05
N ASP A 115 -3.30 11.22 8.01
CA ASP A 115 -3.67 9.88 8.37
C ASP A 115 -2.96 8.82 7.54
N ILE A 116 -2.74 9.12 6.25
CA ILE A 116 -2.10 8.13 5.47
C ILE A 116 -0.68 8.01 5.76
N ALA A 117 -0.08 9.12 6.04
CA ALA A 117 1.34 9.09 6.45
C ALA A 117 1.44 8.24 7.77
N ILE A 118 0.65 8.61 8.71
CA ILE A 118 0.67 7.83 9.95
C ILE A 118 0.53 6.32 9.67
N GLY A 119 -0.32 5.98 8.70
CA GLY A 119 -0.60 4.65 8.26
C GLY A 119 0.65 4.00 7.76
N ILE A 120 1.41 4.69 6.88
CA ILE A 120 2.70 4.13 6.48
C ILE A 120 3.68 3.92 7.68
N GLU A 121 3.68 4.85 8.62
CA GLU A 121 4.55 4.73 9.75
C GLU A 121 4.18 3.43 10.57
N GLN A 122 2.89 3.23 10.73
CA GLN A 122 2.39 2.02 11.45
C GLN A 122 2.76 0.74 10.72
N ALA A 123 2.81 0.76 9.36
CA ALA A 123 3.16 -0.48 8.59
C ALA A 123 4.64 -0.87 8.84
N ILE A 124 5.44 0.16 9.13
CA ILE A 124 6.89 0.08 9.33
C ILE A 124 7.17 -0.37 10.78
N LEU A 125 6.50 0.31 11.67
CA LEU A 125 6.61 0.02 13.14
C LEU A 125 6.09 -1.34 13.52
N GLY A 126 4.98 -1.73 12.92
CA GLY A 126 4.29 -2.97 13.25
C GLY A 126 3.56 -2.94 14.62
N PRO A 127 2.87 -4.01 14.97
CA PRO A 127 2.24 -4.10 16.30
C PRO A 127 3.15 -3.78 17.48
N ASP A 128 4.46 -4.00 17.40
CA ASP A 128 5.25 -3.77 18.59
C ASP A 128 5.61 -2.30 18.74
N GLY A 129 5.28 -1.50 17.73
CA GLY A 129 5.56 -0.08 17.78
C GLY A 129 7.01 0.34 17.60
N VAL A 130 7.88 -0.58 17.24
CA VAL A 130 9.27 -0.30 17.03
C VAL A 130 9.67 -0.79 15.63
N ALA A 131 10.30 0.11 14.91
CA ALA A 131 10.75 -0.20 13.54
C ALA A 131 11.79 -1.30 13.51
N ASP A 132 12.89 -1.13 14.24
CA ASP A 132 14.07 -2.00 14.13
C ASP A 132 14.51 -2.36 15.56
N LYS A 133 13.82 -3.32 16.13
CA LYS A 133 14.08 -3.69 17.54
C LYS A 133 15.52 -3.95 17.93
N ASP A 134 16.25 -4.67 17.08
CA ASP A 134 17.54 -5.16 17.44
C ASP A 134 18.58 -4.24 16.83
N GLY A 135 18.13 -3.21 16.10
CA GLY A 135 19.08 -2.14 15.73
C GLY A 135 20.10 -2.53 14.69
N ASP A 136 19.84 -3.53 13.86
CA ASP A 136 20.78 -3.89 12.79
C ASP A 136 20.52 -3.26 11.40
N GLY A 137 19.58 -2.35 11.24
CA GLY A 137 19.29 -1.77 9.94
C GLY A 137 18.40 -2.59 9.07
N ILE A 138 18.09 -3.81 9.47
CA ILE A 138 17.24 -4.61 8.67
C ILE A 138 15.86 -4.53 9.27
N ILE A 139 14.89 -4.26 8.42
CA ILE A 139 13.50 -4.09 8.92
C ILE A 139 12.61 -5.04 8.18
N ALA A 140 12.28 -4.72 6.93
CA ALA A 140 11.63 -5.68 6.06
C ALA A 140 12.50 -6.91 5.96
N GLY A 141 11.89 -8.07 6.13
CA GLY A 141 12.59 -9.33 6.05
C GLY A 141 13.42 -9.73 7.31
N ASP A 142 13.41 -8.94 8.38
CA ASP A 142 14.09 -9.29 9.57
C ASP A 142 13.07 -10.04 10.42
N PRO A 143 13.30 -11.32 10.67
CA PRO A 143 12.37 -12.13 11.47
C PRO A 143 12.20 -11.68 12.89
N ASP A 144 13.12 -10.87 13.35
CA ASP A 144 13.06 -10.33 14.71
C ASP A 144 12.14 -9.12 14.76
N ASP A 145 11.85 -8.51 13.60
CA ASP A 145 10.93 -7.38 13.52
C ASP A 145 9.62 -7.83 12.95
N ASP A 146 8.61 -6.95 13.06
CA ASP A 146 7.25 -7.19 12.57
C ASP A 146 6.77 -6.19 11.51
N ALA A 147 7.70 -5.55 10.79
CA ALA A 147 7.35 -4.63 9.77
C ALA A 147 6.73 -5.46 8.63
N ALA A 148 5.82 -4.83 7.92
CA ALA A 148 5.38 -5.30 6.62
C ALA A 148 6.53 -5.15 5.52
N GLU A 149 6.40 -6.06 4.55
CA GLU A 149 7.33 -6.15 3.39
C GLU A 149 6.77 -5.48 2.17
N VAL A 150 5.46 -5.27 2.16
CA VAL A 150 4.76 -4.63 1.08
C VAL A 150 3.79 -3.65 1.67
N ILE A 151 3.78 -2.47 1.09
CA ILE A 151 2.76 -1.46 1.44
C ILE A 151 1.92 -1.19 0.17
N SER A 152 0.63 -1.47 0.28
CA SER A 152 -0.31 -1.41 -0.86
C SER A 152 -1.32 -0.25 -0.65
N MET A 153 -1.31 0.69 -1.58
CA MET A 153 -2.10 1.90 -1.53
C MET A 153 -2.96 2.12 -2.71
N SER A 154 -4.18 1.66 -2.61
CA SER A 154 -5.19 1.82 -3.66
C SER A 154 -5.91 3.12 -3.50
N LEU A 155 -5.21 4.21 -3.61
CA LEU A 155 -5.70 5.54 -3.32
C LEU A 155 -4.70 6.52 -3.84
N GLY A 156 -5.11 7.76 -3.93
CA GLY A 156 -4.22 8.85 -4.35
C GLY A 156 -4.89 10.22 -4.38
N GLY A 157 -3.99 11.21 -4.46
CA GLY A 157 -4.34 12.58 -4.51
C GLY A 157 -3.42 13.39 -5.43
N PRO A 158 -3.75 14.66 -5.67
CA PRO A 158 -2.93 15.47 -6.61
C PRO A 158 -1.78 16.19 -6.01
N ALA A 159 -1.74 16.26 -4.68
CA ALA A 159 -0.69 16.94 -3.94
C ALA A 159 0.56 16.12 -3.65
N ASP A 160 1.69 16.80 -3.76
CA ASP A 160 3.01 16.28 -3.49
C ASP A 160 3.52 17.06 -2.23
N ASP A 161 3.37 16.45 -1.06
CA ASP A 161 3.83 17.03 0.21
C ASP A 161 5.10 16.38 0.71
N SER A 162 6.00 17.19 1.24
CA SER A 162 7.26 16.69 1.75
C SER A 162 7.27 15.75 2.91
N TYR A 163 6.35 15.87 3.83
CA TYR A 163 6.34 14.94 4.98
C TYR A 163 5.87 13.56 4.49
N LEU A 164 4.90 13.55 3.56
CA LEU A 164 4.38 12.27 3.05
C LEU A 164 5.45 11.65 2.22
N TYR A 165 6.14 12.42 1.36
CA TYR A 165 7.28 11.88 0.66
C TYR A 165 8.46 11.40 1.58
N ASP A 166 8.65 12.06 2.71
CA ASP A 166 9.69 11.66 3.56
C ASP A 166 9.31 10.31 4.26
N MET A 167 8.05 10.17 4.53
CA MET A 167 7.60 8.87 5.08
C MET A 167 7.72 7.75 4.00
N ILE A 168 7.28 8.01 2.79
CA ILE A 168 7.51 7.05 1.70
C ILE A 168 9.02 6.60 1.64
N ILE A 169 9.95 7.55 1.78
CA ILE A 169 11.37 7.29 1.77
C ILE A 169 11.74 6.47 2.91
N GLN A 170 11.07 6.66 4.03
CA GLN A 170 11.42 5.86 5.14
C GLN A 170 11.00 4.41 4.91
N ALA A 171 9.87 4.23 4.31
CA ALA A 171 9.42 2.86 4.04
C ALA A 171 10.35 2.08 3.10
N TYR A 172 10.81 2.78 2.01
CA TYR A 172 11.69 2.22 1.03
C TYR A 172 12.99 1.82 1.59
N ASN A 173 13.51 2.69 2.42
CA ASN A 173 14.71 2.40 3.19
C ASN A 173 14.63 1.37 4.21
N ALA A 174 13.40 1.08 4.62
CA ALA A 174 13.21 -0.06 5.48
C ALA A 174 13.15 -1.40 4.64
N GLY A 175 13.31 -1.28 3.32
CA GLY A 175 13.31 -2.41 2.44
C GLY A 175 11.93 -2.86 2.01
N ILE A 176 10.93 -1.99 2.18
CA ILE A 176 9.55 -2.31 1.91
C ILE A 176 9.24 -1.90 0.48
N VAL A 177 8.61 -2.84 -0.23
CA VAL A 177 8.03 -2.59 -1.55
C VAL A 177 6.75 -1.80 -1.52
N ILE A 178 6.74 -0.65 -2.17
CA ILE A 178 5.53 0.20 -2.13
C ILE A 178 4.80 0.20 -3.43
N VAL A 179 3.49 -0.07 -3.37
CA VAL A 179 2.66 -0.24 -4.56
C VAL A 179 1.48 0.63 -4.46
N ALA A 180 1.21 1.38 -5.52
CA ALA A 180 0.02 2.28 -5.52
C ALA A 180 -0.70 2.40 -6.84
N ALA A 181 -1.98 2.72 -6.76
CA ALA A 181 -2.80 2.91 -7.96
C ALA A 181 -2.46 4.19 -8.74
N SER A 182 -2.36 4.02 -10.06
CA SER A 182 -2.08 5.24 -10.85
C SER A 182 -3.12 6.32 -10.91
N GLY A 183 -4.40 6.08 -10.61
CA GLY A 183 -5.42 7.09 -10.72
C GLY A 183 -6.44 6.77 -11.81
N ASN A 184 -7.60 7.34 -11.71
CA ASN A 184 -8.73 6.90 -12.51
C ASN A 184 -9.31 8.09 -13.34
N GLU A 185 -8.48 9.08 -13.65
CA GLU A 185 -8.96 10.20 -14.43
C GLU A 185 -8.51 10.18 -15.93
N GLY A 186 -7.98 9.07 -16.44
CA GLY A 186 -7.40 9.02 -17.79
C GLY A 186 -6.28 10.11 -18.00
N ALA A 187 -5.57 10.48 -16.92
CA ALA A 187 -4.55 11.53 -16.93
C ALA A 187 -3.27 11.09 -17.52
N PRO A 188 -2.40 12.04 -17.91
CA PRO A 188 -1.12 11.65 -18.54
C PRO A 188 -0.12 10.97 -17.66
N SER A 189 -0.18 11.17 -16.31
CA SER A 189 0.75 10.54 -15.41
C SER A 189 -0.05 10.22 -14.09
N PRO A 190 0.59 9.42 -13.27
CA PRO A 190 -0.01 8.91 -12.05
C PRO A 190 -0.20 9.99 -10.99
N SER A 191 -1.20 9.75 -10.14
CA SER A 191 -1.40 10.49 -8.94
C SER A 191 -0.32 10.21 -7.95
N TYR A 192 -0.37 10.88 -6.78
CA TYR A 192 0.52 10.61 -5.67
C TYR A 192 -0.20 9.72 -4.66
N PRO A 193 0.51 8.79 -4.01
CA PRO A 193 1.96 8.61 -4.10
C PRO A 193 2.50 7.71 -5.24
N ALA A 194 1.69 7.17 -6.13
CA ALA A 194 2.17 6.24 -7.21
C ALA A 194 3.30 6.93 -8.10
N ALA A 195 3.30 8.24 -8.11
CA ALA A 195 4.25 8.99 -8.99
C ALA A 195 5.55 9.19 -8.38
N TYR A 196 5.75 8.84 -7.11
CA TYR A 196 7.11 8.89 -6.55
C TYR A 196 7.96 7.74 -7.07
N PRO A 197 9.26 8.01 -7.27
CA PRO A 197 10.15 6.97 -7.83
C PRO A 197 10.26 5.74 -6.94
N GLU A 198 10.05 5.90 -5.63
CA GLU A 198 10.12 4.79 -4.78
C GLU A 198 8.94 3.85 -4.81
N VAL A 199 7.90 4.24 -5.48
CA VAL A 199 6.64 3.47 -5.47
C VAL A 199 6.31 2.92 -6.87
N ILE A 200 5.71 1.76 -6.88
CA ILE A 200 5.26 1.18 -8.07
C ILE A 200 3.85 1.63 -8.44
N ALA A 201 3.78 2.48 -9.48
CA ALA A 201 2.56 2.90 -10.06
C ALA A 201 1.89 1.83 -10.94
N VAL A 202 0.65 1.52 -10.67
CA VAL A 202 -0.08 0.45 -11.36
C VAL A 202 -1.31 0.89 -12.14
N GLY A 203 -1.31 0.62 -13.46
CA GLY A 203 -2.47 0.87 -14.30
C GLY A 203 -3.39 -0.38 -14.40
N ALA A 204 -4.59 -0.16 -14.89
CA ALA A 204 -5.60 -1.19 -15.03
C ALA A 204 -5.87 -1.65 -16.51
N ILE A 205 -5.88 -2.95 -16.74
CA ILE A 205 -6.34 -3.56 -18.03
C ILE A 205 -7.73 -4.12 -17.82
N ASP A 206 -8.44 -4.31 -18.90
CA ASP A 206 -9.66 -5.13 -18.84
C ASP A 206 -9.41 -6.54 -19.34
N SER A 207 -10.47 -7.33 -19.39
CA SER A 207 -10.41 -8.76 -19.74
C SER A 207 -10.06 -9.09 -21.23
N ASN A 208 -10.01 -8.08 -22.08
CA ASN A 208 -9.56 -8.27 -23.45
C ASN A 208 -8.14 -7.78 -23.60
N ASP A 209 -7.43 -7.55 -22.48
CA ASP A 209 -6.08 -6.98 -22.47
C ASP A 209 -5.92 -5.53 -22.95
N ASN A 210 -7.01 -4.78 -23.07
CA ASN A 210 -6.93 -3.37 -23.37
C ASN A 210 -6.72 -2.59 -22.06
N ILE A 211 -6.02 -1.48 -22.14
CA ILE A 211 -5.96 -0.53 -21.00
C ILE A 211 -7.29 0.22 -20.79
N ALA A 212 -7.76 0.25 -19.56
CA ALA A 212 -8.94 1.00 -19.18
C ALA A 212 -8.81 2.43 -19.59
N SER A 213 -9.87 2.94 -20.18
CA SER A 213 -9.91 4.34 -20.59
C SER A 213 -9.70 5.26 -19.36
N PHE A 214 -10.14 4.86 -18.16
CA PHE A 214 -9.84 5.66 -17.01
C PHE A 214 -8.43 5.58 -16.38
N SER A 215 -7.59 4.62 -16.76
CA SER A 215 -6.35 4.40 -16.16
C SER A 215 -5.34 5.55 -16.41
N ASN A 216 -4.84 6.18 -15.32
CA ASN A 216 -3.81 7.22 -15.46
C ASN A 216 -2.62 6.57 -16.14
N ARG A 217 -2.09 7.29 -17.18
CA ARG A 217 -0.94 6.87 -17.97
C ARG A 217 0.41 6.98 -17.33
N GLN A 218 1.36 6.44 -18.03
CA GLN A 218 2.68 6.21 -17.53
C GLN A 218 2.88 5.48 -16.24
N PRO A 219 2.25 4.33 -16.08
CA PRO A 219 2.49 3.52 -14.88
C PRO A 219 3.75 2.76 -15.02
N GLU A 220 4.08 1.97 -14.00
CA GLU A 220 5.21 1.13 -14.07
C GLU A 220 4.85 -0.21 -14.63
N VAL A 221 3.71 -0.76 -14.15
CA VAL A 221 3.18 -1.97 -14.62
C VAL A 221 1.69 -1.96 -14.71
N SER A 222 1.04 -2.98 -15.19
CA SER A 222 -0.41 -2.84 -15.19
C SER A 222 -0.99 -4.19 -14.77
N ALA A 223 -2.26 -4.20 -14.44
CA ALA A 223 -2.91 -5.36 -13.88
C ALA A 223 -4.39 -5.33 -14.03
N PRO A 224 -5.04 -6.48 -13.90
CA PRO A 224 -6.48 -6.54 -13.97
C PRO A 224 -7.18 -5.52 -13.06
N GLY A 225 -8.02 -4.71 -13.69
CA GLY A 225 -8.75 -3.63 -13.02
C GLY A 225 -10.16 -3.27 -13.45
N VAL A 226 -10.76 -4.12 -14.28
CA VAL A 226 -12.12 -3.92 -14.75
C VAL A 226 -12.86 -5.25 -14.56
N ASP A 227 -14.05 -5.18 -14.02
CA ASP A 227 -14.86 -6.35 -13.70
C ASP A 227 -14.12 -7.35 -12.77
N ILE A 228 -13.69 -6.89 -11.61
CA ILE A 228 -12.89 -7.69 -10.72
C ILE A 228 -13.79 -8.06 -9.57
N LEU A 229 -14.04 -9.32 -9.46
CA LEU A 229 -14.86 -9.90 -8.39
C LEU A 229 -13.94 -10.18 -7.17
N SER A 230 -14.38 -9.77 -5.98
CA SER A 230 -13.64 -10.02 -4.75
C SER A 230 -14.57 -9.99 -3.55
N THR A 231 -13.99 -10.09 -2.39
CA THR A 231 -14.80 -10.00 -1.13
C THR A 231 -15.26 -8.55 -0.91
N TYR A 232 -16.38 -8.50 -0.26
CA TYR A 232 -17.09 -7.28 0.00
C TYR A 232 -17.98 -7.49 1.22
N PRO A 233 -18.17 -6.43 2.00
CA PRO A 233 -18.95 -6.60 3.24
C PRO A 233 -20.42 -6.84 2.95
N ASP A 234 -21.14 -7.56 3.82
CA ASP A 234 -20.65 -8.23 5.01
C ASP A 234 -20.66 -9.69 4.69
N ASP A 235 -19.48 -10.28 4.69
CA ASP A 235 -19.27 -11.61 4.40
C ASP A 235 -19.83 -11.92 3.01
N SER A 236 -19.71 -10.97 2.08
CA SER A 236 -20.24 -11.16 0.77
C SER A 236 -19.14 -10.90 -0.34
N TYR A 237 -19.61 -10.57 -1.53
CA TYR A 237 -18.70 -10.49 -2.74
C TYR A 237 -19.30 -9.40 -3.64
N GLU A 238 -18.47 -8.72 -4.49
CA GLU A 238 -18.93 -7.75 -5.38
C GLU A 238 -17.89 -7.56 -6.45
N THR A 239 -18.34 -7.01 -7.56
CA THR A 239 -17.54 -6.78 -8.74
C THR A 239 -17.35 -5.28 -9.02
N LEU A 240 -16.08 -4.85 -9.09
CA LEU A 240 -15.75 -3.43 -9.20
C LEU A 240 -14.63 -3.19 -10.21
N MET A 241 -14.43 -1.94 -10.49
CA MET A 241 -13.32 -1.57 -11.38
C MET A 241 -12.55 -0.39 -10.81
N GLY A 242 -11.33 -0.24 -11.26
CA GLY A 242 -10.50 0.86 -10.92
C GLY A 242 -9.05 0.54 -10.89
N THR A 243 -8.17 1.54 -10.83
CA THR A 243 -6.80 1.21 -10.69
C THR A 243 -6.62 0.69 -9.24
N ALA A 244 -7.56 0.96 -8.36
CA ALA A 244 -7.58 0.31 -7.01
C ALA A 244 -7.61 -1.19 -6.99
N MET A 245 -8.26 -1.84 -7.97
CA MET A 245 -8.44 -3.30 -8.11
C MET A 245 -7.25 -3.86 -8.82
N ALA A 246 -6.55 -3.05 -9.60
CA ALA A 246 -5.36 -3.57 -10.21
C ALA A 246 -4.20 -3.73 -9.25
N THR A 247 -4.01 -2.71 -8.43
CA THR A 247 -2.94 -2.48 -7.44
C THR A 247 -2.71 -3.72 -6.62
N PRO A 248 -3.75 -4.29 -6.02
CA PRO A 248 -3.57 -5.47 -5.18
C PRO A 248 -3.10 -6.74 -5.94
N HIS A 249 -3.39 -6.83 -7.22
CA HIS A 249 -2.85 -7.88 -7.97
C HIS A 249 -1.32 -7.79 -7.90
N VAL A 250 -0.78 -6.57 -8.11
CA VAL A 250 0.68 -6.38 -8.04
C VAL A 250 1.27 -6.61 -6.71
N SER A 251 0.64 -6.11 -5.67
CA SER A 251 1.07 -6.34 -4.33
C SER A 251 1.16 -7.83 -3.99
N GLY A 252 0.18 -8.58 -4.46
CA GLY A 252 0.13 -10.07 -4.35
C GLY A 252 1.28 -10.71 -5.00
N VAL A 253 1.66 -10.19 -6.16
CA VAL A 253 2.74 -10.80 -6.87
C VAL A 253 4.00 -10.58 -6.10
N VAL A 254 4.18 -9.36 -5.59
CA VAL A 254 5.35 -9.04 -4.78
C VAL A 254 5.49 -9.91 -3.54
N ALA A 255 4.34 -10.15 -2.89
CA ALA A 255 4.28 -10.92 -1.72
C ALA A 255 4.84 -12.31 -2.08
N LEU A 256 4.38 -12.89 -3.19
CA LEU A 256 4.82 -14.23 -3.59
C LEU A 256 6.33 -14.24 -3.92
N ILE A 257 6.81 -13.22 -4.61
CA ILE A 257 8.20 -13.15 -4.84
C ILE A 257 9.04 -13.18 -3.54
N GLN A 258 8.77 -12.26 -2.64
CA GLN A 258 9.47 -12.19 -1.38
C GLN A 258 9.29 -13.44 -0.53
N ALA A 259 8.10 -14.01 -0.56
CA ALA A 259 7.84 -15.23 0.22
C ALA A 259 8.67 -16.43 -0.33
N ALA A 260 8.67 -16.58 -1.64
CA ALA A 260 9.42 -17.67 -2.29
C ALA A 260 10.93 -17.51 -2.09
N TYR A 261 11.41 -16.29 -2.13
CA TYR A 261 12.81 -16.01 -1.96
C TYR A 261 13.30 -16.27 -0.57
N TYR A 262 12.47 -15.85 0.42
CA TYR A 262 12.81 -16.04 1.82
C TYR A 262 12.79 -17.56 2.10
N GLN A 263 11.78 -18.26 1.59
CA GLN A 263 11.65 -19.69 1.81
C GLN A 263 12.95 -20.42 1.31
N LYS A 264 13.44 -20.12 0.14
CA LYS A 264 14.66 -20.75 -0.35
C LYS A 264 15.96 -20.25 0.28
N TYR A 265 16.06 -18.94 0.37
CA TYR A 265 17.23 -18.29 0.83
C TYR A 265 16.65 -17.64 2.05
N GLY A 266 17.30 -17.48 3.11
CA GLY A 266 16.50 -16.89 4.20
C GLY A 266 16.74 -15.39 4.27
N LYS A 267 16.40 -14.76 3.14
CA LYS A 267 16.45 -13.36 2.98
C LYS A 267 15.44 -12.85 1.96
N ILE A 268 15.26 -11.56 1.91
CA ILE A 268 14.41 -10.98 0.85
C ILE A 268 15.22 -10.20 -0.16
N LEU A 269 14.58 -9.85 -1.25
CA LEU A 269 15.20 -9.05 -2.27
C LEU A 269 15.06 -7.57 -2.02
N PRO A 270 16.10 -6.82 -2.47
CA PRO A 270 16.03 -5.34 -2.38
C PRO A 270 14.85 -4.91 -3.19
N VAL A 271 14.41 -3.69 -2.95
CA VAL A 271 13.25 -3.24 -3.66
C VAL A 271 13.48 -2.88 -5.15
N GLY A 272 14.60 -2.24 -5.45
CA GLY A 272 14.87 -1.83 -6.82
C GLY A 272 14.29 -0.53 -7.27
N THR A 273 14.52 -0.19 -8.55
CA THR A 273 14.13 1.04 -9.08
C THR A 273 13.31 0.82 -10.25
N PHE A 274 12.77 1.91 -10.75
CA PHE A 274 11.98 1.92 -11.99
C PHE A 274 12.68 1.39 -13.26
N ASP A 275 13.94 1.75 -13.47
CA ASP A 275 14.73 1.47 -14.68
C ASP A 275 15.29 0.07 -14.59
N ASP A 276 15.13 -0.57 -13.45
CA ASP A 276 15.75 -1.82 -13.21
C ASP A 276 15.26 -2.88 -14.21
N ILE A 277 16.19 -3.59 -14.82
CA ILE A 277 15.81 -4.64 -15.71
C ILE A 277 16.65 -5.83 -15.39
N SER A 278 17.14 -5.93 -14.18
CA SER A 278 17.87 -7.10 -13.76
C SER A 278 16.96 -8.07 -13.07
N LYS A 279 17.52 -9.21 -12.74
CA LYS A 279 16.84 -10.20 -11.97
C LYS A 279 17.19 -10.10 -10.51
N ASN A 280 17.89 -9.06 -10.12
CA ASN A 280 18.41 -8.99 -8.73
C ASN A 280 17.57 -8.17 -7.72
N THR A 281 16.47 -7.61 -8.20
CA THR A 281 15.58 -6.86 -7.31
C THR A 281 14.12 -7.22 -7.62
N VAL A 282 13.26 -6.90 -6.68
CA VAL A 282 11.80 -7.07 -6.93
C VAL A 282 11.32 -6.37 -8.13
N ARG A 283 11.58 -5.09 -8.21
CA ARG A 283 11.06 -4.31 -9.37
C ARG A 283 11.69 -4.74 -10.69
N GLY A 284 12.94 -5.10 -10.65
CA GLY A 284 13.61 -5.65 -11.86
C GLY A 284 12.91 -6.92 -12.38
N ILE A 285 12.69 -7.84 -11.46
CA ILE A 285 11.97 -9.05 -11.77
C ILE A 285 10.58 -8.73 -12.31
N LEU A 286 9.88 -7.82 -11.64
CA LEU A 286 8.51 -7.51 -12.07
C LEU A 286 8.60 -6.99 -13.48
N HIS A 287 9.61 -6.16 -13.76
CA HIS A 287 9.64 -5.55 -15.05
C HIS A 287 9.97 -6.57 -16.19
N ILE A 288 10.94 -7.44 -15.98
CA ILE A 288 11.44 -8.31 -17.11
C ILE A 288 10.49 -9.45 -17.36
N THR A 289 9.69 -9.82 -16.34
CA THR A 289 8.77 -10.90 -16.43
C THR A 289 7.33 -10.45 -16.71
N ALA A 290 7.11 -9.16 -16.94
CA ALA A 290 5.79 -8.60 -17.22
C ALA A 290 5.41 -9.03 -18.63
N ASP A 291 4.13 -9.30 -18.86
CA ASP A 291 3.62 -9.51 -20.25
C ASP A 291 3.57 -8.21 -21.06
N ASP A 292 4.44 -8.12 -22.06
CA ASP A 292 4.63 -6.83 -22.70
C ASP A 292 3.56 -6.65 -23.66
N LEU A 293 2.60 -5.81 -23.35
CA LEU A 293 1.47 -5.53 -24.23
C LEU A 293 1.77 -4.24 -24.97
N GLY A 294 0.93 -3.92 -25.95
CA GLY A 294 0.95 -2.70 -26.75
C GLY A 294 2.27 -2.69 -27.53
N PRO A 295 2.86 -1.55 -27.77
CA PRO A 295 4.19 -1.48 -28.40
C PRO A 295 5.28 -2.18 -27.63
N THR A 296 6.28 -2.68 -28.34
CA THR A 296 7.39 -3.34 -27.71
C THR A 296 8.06 -2.43 -26.63
N GLY A 297 8.32 -3.03 -25.48
CA GLY A 297 8.93 -2.25 -24.42
C GLY A 297 7.93 -1.49 -23.62
N TRP A 298 8.50 -0.85 -22.60
CA TRP A 298 7.72 0.06 -21.77
C TRP A 298 6.94 1.04 -22.60
N ASP A 299 5.65 1.24 -22.31
CA ASP A 299 4.90 2.23 -23.05
C ASP A 299 4.00 2.93 -22.08
N ALA A 300 3.39 4.01 -22.51
CA ALA A 300 2.59 4.88 -21.65
C ALA A 300 1.29 4.27 -21.21
N ASP A 301 0.81 3.23 -21.86
CA ASP A 301 -0.42 2.64 -21.43
C ASP A 301 -0.21 1.56 -20.39
N TYR A 302 0.57 0.56 -20.69
CA TYR A 302 0.69 -0.60 -19.84
C TYR A 302 1.91 -0.60 -18.91
N GLY A 303 2.86 0.37 -19.12
CA GLY A 303 4.09 0.34 -18.39
C GLY A 303 4.95 -0.69 -18.99
N TYR A 304 5.68 -1.41 -18.15
CA TYR A 304 6.46 -2.55 -18.61
C TYR A 304 5.58 -3.72 -19.06
N GLY A 305 4.34 -3.77 -18.57
CA GLY A 305 3.41 -4.80 -18.95
C GLY A 305 2.56 -5.32 -17.78
N VAL A 306 1.86 -6.42 -18.04
CA VAL A 306 0.97 -7.09 -17.05
C VAL A 306 1.79 -8.02 -16.20
N VAL A 307 1.71 -7.86 -14.88
CA VAL A 307 2.51 -8.65 -13.96
C VAL A 307 2.17 -10.20 -14.06
N ARG A 308 3.18 -11.03 -13.93
CA ARG A 308 2.93 -12.47 -14.02
C ARG A 308 3.66 -13.18 -12.93
N ALA A 309 2.90 -13.70 -12.00
CA ALA A 309 3.47 -14.27 -10.83
C ALA A 309 4.35 -15.51 -11.09
N ALA A 310 3.80 -16.45 -11.88
CA ALA A 310 4.47 -17.68 -12.29
C ALA A 310 5.86 -17.38 -12.76
N LEU A 311 6.03 -16.44 -13.69
CA LEU A 311 7.33 -16.07 -14.20
C LEU A 311 8.24 -15.30 -13.20
N ALA A 312 7.65 -14.38 -12.39
CA ALA A 312 8.41 -13.61 -11.46
C ALA A 312 9.05 -14.49 -10.42
N VAL A 313 8.31 -15.47 -9.90
CA VAL A 313 8.81 -16.36 -8.90
C VAL A 313 9.93 -17.26 -9.49
N GLN A 314 9.75 -17.71 -10.74
CA GLN A 314 10.76 -18.56 -11.37
C GLN A 314 12.06 -17.79 -11.51
N ALA A 315 11.96 -16.54 -11.89
CA ALA A 315 13.12 -15.67 -12.03
C ALA A 315 13.79 -15.39 -10.65
N ALA A 316 13.00 -15.25 -9.60
CA ALA A 316 13.56 -15.03 -8.33
C ALA A 316 14.33 -16.25 -7.87
N LEU A 317 13.79 -17.44 -8.06
CA LEU A 317 14.38 -18.62 -7.52
C LEU A 317 15.52 -19.18 -8.35
N GLY A 318 15.72 -18.67 -9.55
CA GLY A 318 16.67 -19.25 -10.48
C GLY A 318 17.60 -18.15 -10.99
N THR B 1 -10.64 26.37 13.38
CA THR B 1 -9.27 25.67 13.52
C THR B 1 -8.92 24.82 12.32
N ILE B 2 -7.69 24.91 11.91
CA ILE B 2 -7.26 24.00 10.87
C ILE B 2 -6.18 22.98 11.27
N ARG B 3 -6.15 21.83 10.57
CA ARG B 3 -5.09 20.82 10.85
C ARG B 3 -3.95 21.00 9.85
N VAL B 4 -2.74 21.13 10.30
CA VAL B 4 -1.58 21.23 9.40
C VAL B 4 -0.47 20.35 9.94
N ILE B 5 0.50 20.10 9.07
CA ILE B 5 1.63 19.26 9.39
C ILE B 5 2.93 20.06 9.24
N VAL B 6 3.64 20.23 10.34
CA VAL B 6 4.84 20.99 10.39
C VAL B 6 6.09 20.11 10.37
N SER B 7 7.03 20.48 9.47
CA SER B 7 8.32 19.86 9.40
C SER B 7 9.19 20.65 10.37
N VAL B 8 9.86 19.97 11.32
CA VAL B 8 10.52 20.67 12.37
C VAL B 8 12.00 20.39 12.42
N ASP B 9 12.73 21.34 13.03
CA ASP B 9 14.14 21.12 13.38
C ASP B 9 14.16 20.62 14.79
N LYS B 10 14.49 19.38 14.95
CA LYS B 10 14.41 18.76 16.26
C LYS B 10 15.29 19.44 17.28
N ALA B 11 16.30 20.20 16.82
CA ALA B 11 17.22 20.91 17.74
C ALA B 11 16.55 22.17 18.36
N LYS B 12 15.45 22.61 17.77
CA LYS B 12 14.75 23.77 18.29
C LYS B 12 13.30 23.56 18.63
N PHE B 13 12.75 22.38 18.41
CA PHE B 13 11.30 22.19 18.55
C PHE B 13 10.96 21.55 19.88
N ASN B 14 9.80 21.85 20.44
CA ASN B 14 9.34 21.14 21.62
C ASN B 14 7.83 21.18 21.57
N PRO B 15 7.17 20.05 21.66
CA PRO B 15 5.71 20.06 21.45
C PRO B 15 5.03 21.08 22.31
N HIS B 16 5.61 21.40 23.47
CA HIS B 16 4.92 22.37 24.36
C HIS B 16 4.85 23.78 23.75
N GLU B 17 5.67 24.08 22.76
CA GLU B 17 5.60 25.38 22.12
C GLU B 17 4.29 25.65 21.37
N VAL B 18 3.63 24.59 20.92
CA VAL B 18 2.42 24.78 20.11
C VAL B 18 1.24 25.47 20.86
N LEU B 19 1.10 25.08 22.12
CA LEU B 19 0.05 25.68 22.94
C LEU B 19 0.09 27.25 23.01
N GLY B 20 1.32 27.81 23.03
CA GLY B 20 1.55 29.24 23.02
C GLY B 20 0.88 29.98 21.90
N ILE B 21 0.75 29.32 20.74
CA ILE B 21 0.06 29.96 19.58
C ILE B 21 -1.39 29.57 19.45
N GLY B 22 -1.91 28.89 20.44
CA GLY B 22 -3.32 28.56 20.45
C GLY B 22 -3.62 27.18 19.95
N GLY B 23 -2.57 26.36 19.72
CA GLY B 23 -2.82 25.10 19.11
C GLY B 23 -2.61 23.90 19.97
N HIS B 24 -2.82 22.70 19.39
CA HIS B 24 -2.53 21.50 20.12
C HIS B 24 -1.97 20.41 19.20
N ILE B 25 -1.23 19.51 19.79
CA ILE B 25 -0.56 18.41 19.05
C ILE B 25 -1.52 17.31 18.81
N VAL B 26 -1.56 16.82 17.58
CA VAL B 26 -2.43 15.72 17.23
C VAL B 26 -1.55 14.44 17.19
N TYR B 27 -0.39 14.48 16.53
CA TYR B 27 0.49 13.33 16.37
C TYR B 27 1.90 13.71 16.03
N GLN B 28 2.78 13.18 16.87
CA GLN B 28 4.23 13.36 16.66
C GLN B 28 4.78 12.15 15.93
N PHE B 29 5.31 12.27 14.69
CA PHE B 29 5.85 11.12 13.98
C PHE B 29 7.06 10.59 14.66
N LYS B 30 7.15 9.28 14.69
CA LYS B 30 8.26 8.61 15.22
C LYS B 30 9.40 8.54 14.23
N LEU B 31 9.11 8.57 12.93
CA LEU B 31 10.17 8.20 11.97
C LEU B 31 10.63 9.35 11.06
N ILE B 32 9.91 10.46 11.07
CA ILE B 32 10.32 11.65 10.39
C ILE B 32 10.18 12.89 11.37
N PRO B 33 10.92 13.96 11.13
CA PRO B 33 10.82 15.19 11.96
C PRO B 33 9.62 16.05 11.61
N ALA B 34 8.41 15.63 12.00
CA ALA B 34 7.21 16.34 11.70
C ALA B 34 6.16 16.03 12.69
N VAL B 35 5.23 16.98 12.85
CA VAL B 35 4.15 16.89 13.84
C VAL B 35 2.89 17.36 13.16
N VAL B 36 1.80 16.64 13.46
CA VAL B 36 0.48 17.04 13.07
C VAL B 36 -0.08 17.86 14.18
N VAL B 37 -0.62 19.05 13.82
CA VAL B 37 -1.16 19.97 14.84
C VAL B 37 -2.40 20.64 14.38
N ASP B 38 -3.26 21.00 15.32
CA ASP B 38 -4.46 21.74 15.02
C ASP B 38 -4.17 23.17 15.53
N VAL B 39 -4.47 24.16 14.72
CA VAL B 39 -4.23 25.55 15.07
C VAL B 39 -5.36 26.45 14.56
N PRO B 40 -5.52 27.62 15.15
CA PRO B 40 -6.50 28.54 14.59
C PRO B 40 -6.00 28.95 13.20
N ALA B 41 -6.92 29.19 12.28
CA ALA B 41 -6.55 29.56 10.90
C ALA B 41 -5.60 30.79 10.81
N ASN B 42 -5.74 31.72 11.74
CA ASN B 42 -4.93 32.94 11.84
C ASN B 42 -3.63 32.70 12.61
N ALA B 43 -3.31 31.44 12.87
CA ALA B 43 -2.10 31.14 13.58
C ALA B 43 -1.06 30.53 12.65
N VAL B 44 -1.41 30.38 11.39
CA VAL B 44 -0.52 29.74 10.45
C VAL B 44 0.74 30.57 10.30
N GLY B 45 0.59 31.89 10.23
CA GLY B 45 1.75 32.79 10.10
C GLY B 45 2.71 32.75 11.28
N LYS B 46 2.16 32.63 12.50
CA LYS B 46 2.93 32.55 13.75
C LYS B 46 3.79 31.29 13.75
N LEU B 47 3.22 30.15 13.31
CA LEU B 47 3.98 28.90 13.23
C LEU B 47 5.16 29.12 12.32
N LYS B 48 4.89 29.76 11.19
CA LYS B 48 5.93 30.00 10.21
C LYS B 48 7.03 30.81 10.80
N LYS B 49 6.64 31.77 11.63
CA LYS B 49 7.55 32.64 12.39
C LYS B 49 8.40 31.83 13.42
N MET B 50 8.00 30.62 13.79
CA MET B 50 8.76 29.88 14.81
C MET B 50 10.09 29.35 14.27
N PRO B 51 11.23 29.57 14.97
CA PRO B 51 12.51 29.12 14.38
C PRO B 51 12.59 27.62 14.25
N SER B 52 11.86 26.83 15.07
CA SER B 52 11.86 25.38 14.95
C SER B 52 11.04 24.88 13.73
N VAL B 53 10.15 25.72 13.20
CA VAL B 53 9.33 25.30 12.09
C VAL B 53 10.00 25.60 10.77
N GLU B 54 10.38 24.56 10.02
CA GLU B 54 10.98 24.73 8.70
C GLU B 54 9.96 24.79 7.44
N LYS B 55 8.80 24.11 7.59
CA LYS B 55 7.77 24.07 6.58
C LYS B 55 6.44 23.74 7.29
N VAL B 56 5.39 24.38 6.86
CA VAL B 56 4.01 24.14 7.30
C VAL B 56 3.21 23.72 6.07
N GLU B 57 2.57 22.57 6.11
CA GLU B 57 1.82 22.09 4.95
C GLU B 57 0.42 21.87 5.35
N PHE B 58 -0.48 22.20 4.46
CA PHE B 58 -1.87 21.91 4.71
C PHE B 58 -2.13 20.37 4.63
N ASP B 59 -3.22 19.92 5.25
CA ASP B 59 -3.58 18.51 5.26
C ASP B 59 -4.43 18.26 4.02
N HIS B 60 -3.86 17.60 3.03
CA HIS B 60 -4.58 17.39 1.77
C HIS B 60 -5.41 16.15 1.78
N GLN B 61 -6.24 15.99 0.75
CA GLN B 61 -7.20 14.88 0.67
C GLN B 61 -6.84 13.92 -0.40
N ALA B 62 -6.92 12.63 -0.07
CA ALA B 62 -6.78 11.51 -0.99
C ALA B 62 -8.09 10.83 -1.11
N VAL B 63 -8.33 10.16 -2.23
CA VAL B 63 -9.55 9.36 -2.39
C VAL B 63 -9.26 7.93 -2.89
N LEU B 64 -10.16 7.02 -2.55
CA LEU B 64 -10.08 5.64 -2.97
C LEU B 64 -10.08 5.62 -4.50
N LEU B 65 -9.42 4.65 -5.09
CA LEU B 65 -9.39 4.54 -6.54
C LEU B 65 -10.13 3.26 -7.06
CA CA C . -11.95 -18.78 -1.02
CA CA D . 8.09 -3.35 14.74
CA CA E . 16.10 -5.39 12.72
CA CA F . 17.79 -8.39 13.08
CA CA G . 7.73 -8.77 8.17
CA CA H . 4.68 -2.59 -24.18
CA CA I . -18.38 -9.72 8.27
ZN ZN J . -7.77 19.27 17.48
#